data_7P2N
#
_entry.id   7P2N
#
_cell.length_a   76.606
_cell.length_b   50.326
_cell.length_c   52.652
_cell.angle_alpha   90.000
_cell.angle_beta   102.410
_cell.angle_gamma   90.000
#
_symmetry.space_group_name_H-M   'C 1 2 1'
#
loop_
_entity.id
_entity.type
_entity.pdbx_description
1 polymer 'DNA gyrase subunit B'
2 non-polymer 'PHOSPHATE ION'
3 non-polymer '2-[[3,4-bis(chloranyl)-5-methyl-1H-pyrrol-2-yl]carbonylamino]-5-oxidanyl-1,3-benzothiazole-6-carboxylic acid'
4 water water
#
_entity_poly.entity_id   1
_entity_poly.type   'polypeptide(L)'
_entity_poly.pdbx_seq_one_letter_code
;MSNSYDSSSIKVLKGLDAVRKRPGMYIGDTDDGTGLHHMVFEVVDNAIDEALAGHCKEIIVTIHADNSVSVQDDGRGIPT
GIHPEEGVSAAEVIMTVLHAGGKFDDNSYKVSGGLHGVGVSVVNALSQKLELVIQREGKIHRQIYEHGVPQAPLAVTGET
EKTGTMVRFWPSLETFTNVTEFEYEILAKRLRELSFLNSGVSIRLRDKRDGKEDHFHYEG
;
_entity_poly.pdbx_strand_id   A
#
# COMPACT_ATOMS: atom_id res chain seq x y z
N SER A 9 0.17 -22.21 -0.28
CA SER A 9 1.25 -21.70 -1.20
C SER A 9 0.79 -21.81 -2.66
N ILE A 10 0.29 -22.98 -3.08
CA ILE A 10 -0.26 -23.18 -4.46
C ILE A 10 -1.53 -22.32 -4.64
N LYS A 11 -2.39 -22.30 -3.61
CA LYS A 11 -3.63 -21.48 -3.57
C LYS A 11 -3.25 -19.99 -3.67
N VAL A 12 -2.29 -19.53 -2.86
CA VAL A 12 -1.84 -18.10 -2.86
C VAL A 12 -1.39 -17.73 -4.28
N LEU A 13 -0.51 -18.53 -4.89
CA LEU A 13 0.04 -18.22 -6.23
C LEU A 13 -1.11 -18.20 -7.25
N LYS A 14 -2.08 -19.10 -7.13
CA LYS A 14 -3.24 -19.14 -8.06
C LYS A 14 -4.08 -17.88 -7.88
N GLY A 15 -4.28 -17.39 -6.65
CA GLY A 15 -5.12 -16.20 -6.39
C GLY A 15 -4.49 -14.94 -6.97
N LEU A 16 -3.19 -14.79 -6.77
CA LEU A 16 -2.41 -13.67 -7.37
C LEU A 16 -2.56 -13.77 -8.90
N ASP A 17 -2.41 -14.97 -9.46
N ASP A 17 -2.43 -14.98 -9.44
CA ASP A 17 -2.54 -15.20 -10.92
CA ASP A 17 -2.60 -15.25 -10.89
C ASP A 17 -3.94 -14.76 -11.40
C ASP A 17 -3.95 -14.71 -11.38
N ALA A 18 -5.00 -15.06 -10.64
CA ALA A 18 -6.40 -14.66 -10.96
C ALA A 18 -6.50 -13.14 -11.14
N VAL A 19 -5.85 -12.38 -10.26
CA VAL A 19 -5.86 -10.89 -10.33
C VAL A 19 -5.08 -10.45 -11.58
N ARG A 20 -3.94 -11.06 -11.86
CA ARG A 20 -3.09 -10.62 -13.00
C ARG A 20 -3.78 -10.94 -14.33
N LYS A 21 -4.53 -12.03 -14.39
CA LYS A 21 -5.21 -12.48 -15.63
C LYS A 21 -6.32 -11.49 -16.01
N ARG A 22 -6.98 -10.88 -15.03
CA ARG A 22 -8.12 -9.96 -15.27
C ARG A 22 -7.99 -8.72 -14.38
N PRO A 23 -6.94 -7.90 -14.56
CA PRO A 23 -6.60 -6.87 -13.56
C PRO A 23 -7.60 -5.71 -13.50
N GLY A 24 -8.11 -5.26 -14.66
CA GLY A 24 -9.15 -4.21 -14.69
C GLY A 24 -10.37 -4.57 -13.84
N MET A 25 -10.74 -5.85 -13.79
CA MET A 25 -11.89 -6.38 -13.01
C MET A 25 -11.71 -6.07 -11.51
N TYR A 26 -10.48 -6.17 -11.01
CA TYR A 26 -10.12 -5.96 -9.58
C TYR A 26 -9.75 -4.51 -9.30
N ILE A 27 -9.03 -3.83 -10.20
CA ILE A 27 -8.44 -2.52 -9.86
C ILE A 27 -8.97 -1.38 -10.72
N GLY A 28 -9.60 -1.66 -11.86
CA GLY A 28 -10.05 -0.62 -12.80
C GLY A 28 -9.17 -0.50 -14.02
N ASP A 29 -9.58 0.30 -14.99
CA ASP A 29 -8.96 0.36 -16.33
C ASP A 29 -7.44 0.49 -16.21
N THR A 30 -6.70 -0.45 -16.79
CA THR A 30 -5.22 -0.52 -16.71
C THR A 30 -4.54 0.29 -17.82
N ASP A 31 -5.28 1.01 -18.67
CA ASP A 31 -4.69 1.77 -19.79
C ASP A 31 -4.94 3.28 -19.66
N ASP A 32 -5.95 3.71 -18.91
CA ASP A 32 -6.37 5.14 -18.93
C ASP A 32 -5.95 5.83 -17.62
N GLY A 33 -5.16 5.17 -16.77
CA GLY A 33 -4.67 5.74 -15.52
C GLY A 33 -5.56 5.47 -14.32
N THR A 34 -6.79 5.01 -14.53
CA THR A 34 -7.78 4.81 -13.45
C THR A 34 -7.26 3.73 -12.51
N GLY A 35 -6.98 2.55 -13.04
CA GLY A 35 -6.44 1.43 -12.25
C GLY A 35 -5.15 1.84 -11.54
N LEU A 36 -4.25 2.50 -12.23
CA LEU A 36 -2.97 2.94 -11.65
C LEU A 36 -3.20 3.76 -10.39
N HIS A 37 -4.10 4.75 -10.44
CA HIS A 37 -4.33 5.62 -9.27
C HIS A 37 -5.15 4.88 -8.20
N HIS A 38 -6.01 3.96 -8.63
CA HIS A 38 -6.78 3.12 -7.67
C HIS A 38 -5.83 2.22 -6.85
N MET A 39 -4.67 1.90 -7.38
CA MET A 39 -3.65 1.16 -6.58
C MET A 39 -3.31 1.97 -5.33
N VAL A 40 -3.04 3.26 -5.50
CA VAL A 40 -2.75 4.14 -4.36
C VAL A 40 -3.95 4.22 -3.44
N PHE A 41 -5.12 4.43 -4.02
CA PHE A 41 -6.34 4.60 -3.21
C PHE A 41 -6.61 3.36 -2.36
N GLU A 42 -6.36 2.17 -2.90
CA GLU A 42 -6.59 0.96 -2.08
C GLU A 42 -5.68 0.99 -0.86
N VAL A 43 -4.39 1.26 -1.07
CA VAL A 43 -3.46 1.26 0.08
C VAL A 43 -3.89 2.33 1.09
N VAL A 44 -4.18 3.53 0.61
CA VAL A 44 -4.63 4.63 1.48
C VAL A 44 -5.92 4.22 2.24
N ASP A 45 -6.80 3.51 1.56
CA ASP A 45 -8.08 3.13 2.20
C ASP A 45 -7.79 2.22 3.40
N ASN A 46 -6.77 1.38 3.32
CA ASN A 46 -6.43 0.51 4.48
C ASN A 46 -5.94 1.38 5.63
N ALA A 47 -5.11 2.41 5.33
CA ALA A 47 -4.67 3.35 6.37
C ALA A 47 -5.87 4.10 6.95
N ILE A 48 -6.80 4.52 6.10
CA ILE A 48 -8.03 5.21 6.57
C ILE A 48 -8.82 4.26 7.48
N ASP A 49 -8.92 2.98 7.13
CA ASP A 49 -9.64 2.00 7.99
C ASP A 49 -8.99 2.00 9.38
N GLU A 50 -7.66 2.08 9.43
CA GLU A 50 -6.95 2.09 10.72
C GLU A 50 -7.24 3.38 11.50
N ALA A 51 -7.48 4.49 10.80
CA ALA A 51 -7.92 5.77 11.41
C ALA A 51 -9.37 5.67 11.93
N LEU A 52 -10.24 5.04 11.14
CA LEU A 52 -11.67 4.84 11.52
C LEU A 52 -11.76 4.00 12.79
N ALA A 53 -10.88 3.04 12.94
CA ALA A 53 -10.80 2.15 14.11
C ALA A 53 -10.22 2.86 15.33
N GLY A 54 -9.69 4.09 15.16
CA GLY A 54 -9.22 4.94 16.27
C GLY A 54 -7.73 4.84 16.55
N HIS A 55 -6.95 4.29 15.64
CA HIS A 55 -5.50 4.01 15.90
C HIS A 55 -4.58 4.95 15.11
N CYS A 56 -4.91 5.26 13.88
CA CYS A 56 -4.03 6.06 13.01
C CYS A 56 -4.47 7.53 13.09
N LYS A 57 -3.50 8.43 13.25
CA LYS A 57 -3.71 9.90 13.26
C LYS A 57 -3.03 10.57 12.07
N GLU A 58 -2.00 9.96 11.48
CA GLU A 58 -1.27 10.57 10.35
C GLU A 58 -0.97 9.55 9.28
N ILE A 59 -1.17 9.98 8.04
CA ILE A 59 -0.92 9.17 6.84
C ILE A 59 -0.02 10.01 5.94
N ILE A 60 1.10 9.44 5.49
CA ILE A 60 2.01 10.13 4.57
C ILE A 60 2.02 9.33 3.27
N VAL A 61 1.68 10.03 2.20
CA VAL A 61 1.67 9.43 0.85
C VAL A 61 2.78 10.12 0.07
N THR A 62 3.70 9.30 -0.44
CA THR A 62 4.93 9.80 -1.16
C THR A 62 4.93 9.23 -2.55
N ILE A 63 5.04 10.12 -3.53
CA ILE A 63 5.35 9.70 -4.92
C ILE A 63 6.87 9.78 -5.02
N HIS A 64 7.52 8.64 -5.08
CA HIS A 64 8.99 8.58 -5.14
C HIS A 64 9.45 9.02 -6.53
N ALA A 65 10.73 9.32 -6.62
CA ALA A 65 11.34 9.84 -7.86
C ALA A 65 11.27 8.77 -8.96
N ASP A 66 11.20 7.50 -8.59
CA ASP A 66 11.09 6.38 -9.55
C ASP A 66 9.65 5.95 -9.84
N ASN A 67 8.65 6.78 -9.50
N ASN A 67 8.65 6.78 -9.51
CA ASN A 67 7.24 6.52 -9.87
CA ASN A 67 7.21 6.51 -9.81
C ASN A 67 6.68 5.35 -9.05
C ASN A 67 6.81 5.18 -9.15
N SER A 68 7.33 4.95 -7.96
CA SER A 68 6.69 4.11 -6.94
C SER A 68 5.97 5.04 -5.99
N VAL A 69 4.98 4.50 -5.26
CA VAL A 69 4.26 5.27 -4.24
C VAL A 69 4.35 4.51 -2.92
N SER A 70 4.59 5.25 -1.88
CA SER A 70 4.49 4.72 -0.51
C SER A 70 3.35 5.38 0.25
N VAL A 71 2.82 4.59 1.15
CA VAL A 71 1.81 5.02 2.15
C VAL A 71 2.35 4.58 3.50
N GLN A 72 2.55 5.54 4.38
CA GLN A 72 2.93 5.29 5.78
CA GLN A 72 2.92 5.28 5.77
C GLN A 72 1.79 5.71 6.70
N ASP A 73 1.45 4.85 7.64
CA ASP A 73 0.50 5.24 8.69
C ASP A 73 1.16 5.04 10.05
N ASP A 74 0.56 5.63 11.06
CA ASP A 74 0.99 5.51 12.46
C ASP A 74 -0.03 4.72 13.28
N GLY A 75 -0.66 3.77 12.64
CA GLY A 75 -1.61 2.87 13.30
C GLY A 75 -0.93 1.77 14.09
N ARG A 76 -1.61 0.67 14.29
CA ARG A 76 -1.14 -0.41 15.16
C ARG A 76 0.02 -1.19 14.54
N GLY A 77 0.11 -1.20 13.23
CA GLY A 77 0.98 -2.11 12.50
C GLY A 77 0.25 -3.38 12.16
N ILE A 78 0.37 -3.87 10.96
CA ILE A 78 -0.24 -5.16 10.59
C ILE A 78 0.34 -6.23 11.53
N PRO A 79 -0.46 -7.15 12.09
CA PRO A 79 0.10 -8.21 12.93
C PRO A 79 1.20 -9.01 12.22
N THR A 80 2.19 -9.40 13.01
CA THR A 80 3.40 -10.04 12.47
C THR A 80 3.56 -11.49 12.92
N GLY A 81 2.83 -11.91 13.93
CA GLY A 81 2.95 -13.26 14.46
C GLY A 81 2.59 -14.30 13.41
N ILE A 82 3.15 -15.49 13.55
CA ILE A 82 2.87 -16.60 12.61
C ILE A 82 1.38 -16.93 12.66
N HIS A 83 0.78 -17.08 11.49
CA HIS A 83 -0.63 -17.49 11.30
C HIS A 83 -0.59 -19.01 11.15
N PRO A 84 -1.14 -19.77 12.11
CA PRO A 84 -0.85 -21.21 12.23
C PRO A 84 -1.04 -22.02 10.94
N GLU A 85 -2.14 -21.77 10.22
CA GLU A 85 -2.59 -22.62 9.08
C GLU A 85 -1.54 -22.56 7.97
N GLU A 86 -1.04 -21.34 7.69
CA GLU A 86 -0.15 -21.06 6.54
C GLU A 86 1.30 -21.19 6.98
N GLY A 87 1.58 -21.08 8.28
CA GLY A 87 2.95 -21.19 8.83
C GLY A 87 3.80 -19.99 8.48
N VAL A 88 3.15 -18.88 8.10
CA VAL A 88 3.85 -17.61 7.74
C VAL A 88 3.22 -16.49 8.54
N SER A 89 3.89 -15.36 8.62
CA SER A 89 3.39 -14.18 9.34
C SER A 89 1.99 -13.81 8.90
N ALA A 90 1.20 -13.31 9.85
CA ALA A 90 -0.14 -12.82 9.54
C ALA A 90 -0.07 -11.74 8.47
N ALA A 91 0.95 -10.89 8.54
CA ALA A 91 1.14 -9.82 7.55
C ALA A 91 1.26 -10.44 6.17
N GLU A 92 2.10 -11.46 5.99
CA GLU A 92 2.24 -12.10 4.67
C GLU A 92 0.91 -12.66 4.17
N VAL A 93 0.13 -13.27 5.06
CA VAL A 93 -1.23 -13.77 4.66
C VAL A 93 -2.06 -12.59 4.14
N ILE A 94 -2.10 -11.49 4.87
CA ILE A 94 -2.89 -10.30 4.45
C ILE A 94 -2.40 -9.79 3.09
N MET A 95 -1.11 -9.84 2.88
CA MET A 95 -0.51 -9.27 1.65
C MET A 95 -0.71 -10.22 0.47
N THR A 96 -1.06 -11.49 0.68
CA THR A 96 -1.04 -12.49 -0.42
C THR A 96 -2.35 -13.24 -0.63
N VAL A 97 -3.29 -13.16 0.29
CA VAL A 97 -4.57 -13.91 0.15
C VAL A 97 -5.68 -12.92 -0.16
N LEU A 98 -6.43 -13.16 -1.23
CA LEU A 98 -7.58 -12.29 -1.64
C LEU A 98 -8.58 -12.10 -0.49
N GLY A 117 -13.33 -1.88 -1.49
CA GLY A 117 -12.14 -2.38 -0.78
C GLY A 117 -11.71 -3.74 -1.29
N VAL A 118 -10.82 -3.77 -2.28
CA VAL A 118 -10.49 -5.03 -3.04
C VAL A 118 -9.38 -5.77 -2.30
N GLY A 119 -8.79 -5.13 -1.30
CA GLY A 119 -7.74 -5.70 -0.45
C GLY A 119 -6.35 -5.36 -0.99
N VAL A 120 -5.43 -5.14 -0.06
CA VAL A 120 -4.04 -4.78 -0.42
C VAL A 120 -3.42 -5.91 -1.22
N SER A 121 -3.90 -7.14 -1.10
CA SER A 121 -3.30 -8.25 -1.88
C SER A 121 -3.46 -7.99 -3.37
N VAL A 122 -4.49 -7.27 -3.80
CA VAL A 122 -4.62 -6.94 -5.23
C VAL A 122 -3.47 -6.02 -5.65
N VAL A 123 -3.18 -5.03 -4.83
CA VAL A 123 -2.07 -4.09 -5.11
C VAL A 123 -0.76 -4.88 -5.21
N ASN A 124 -0.57 -5.81 -4.27
CA ASN A 124 0.66 -6.63 -4.29
C ASN A 124 0.72 -7.44 -5.58
N ALA A 125 -0.37 -8.08 -5.96
CA ALA A 125 -0.41 -8.97 -7.14
C ALA A 125 -0.01 -8.19 -8.40
N LEU A 126 -0.40 -6.92 -8.48
CA LEU A 126 -0.24 -6.06 -9.67
C LEU A 126 1.01 -5.15 -9.54
N SER A 127 1.85 -5.42 -8.56
CA SER A 127 3.12 -4.67 -8.36
C SER A 127 4.32 -5.53 -8.77
N GLN A 128 5.17 -4.99 -9.63
CA GLN A 128 6.45 -5.65 -9.92
C GLN A 128 7.28 -5.83 -8.63
N LYS A 129 7.20 -4.87 -7.72
CA LYS A 129 7.87 -4.95 -6.41
C LYS A 129 6.96 -4.29 -5.40
N LEU A 130 7.00 -4.82 -4.18
CA LEU A 130 6.31 -4.15 -3.07
C LEU A 130 7.21 -4.31 -1.84
N GLU A 131 7.37 -3.24 -1.10
CA GLU A 131 8.11 -3.23 0.17
C GLU A 131 7.11 -2.99 1.29
N LEU A 132 7.19 -3.84 2.31
CA LEU A 132 6.35 -3.73 3.53
C LEU A 132 7.25 -3.51 4.74
N VAL A 133 7.02 -2.46 5.50
CA VAL A 133 7.72 -2.21 6.77
C VAL A 133 6.68 -2.00 7.86
N ILE A 134 6.73 -2.79 8.92
CA ILE A 134 5.76 -2.72 10.03
C ILE A 134 6.53 -2.41 11.29
N GLN A 135 6.05 -1.44 12.04
CA GLN A 135 6.55 -1.12 13.39
C GLN A 135 5.47 -1.60 14.36
N ARG A 136 5.81 -2.52 15.27
CA ARG A 136 4.77 -3.13 16.13
C ARG A 136 5.47 -3.86 17.26
N GLU A 137 4.98 -3.69 18.47
CA GLU A 137 5.45 -4.44 19.65
C GLU A 137 6.97 -4.32 19.77
N GLY A 138 7.47 -3.11 19.58
CA GLY A 138 8.86 -2.73 19.88
C GLY A 138 9.83 -3.12 18.78
N LYS A 139 9.36 -3.66 17.67
CA LYS A 139 10.25 -4.15 16.59
C LYS A 139 9.84 -3.57 15.24
N ILE A 140 10.85 -3.42 14.39
CA ILE A 140 10.63 -3.09 12.97
C ILE A 140 10.71 -4.42 12.22
N HIS A 141 9.84 -4.63 11.26
CA HIS A 141 9.75 -5.84 10.44
C HIS A 141 9.72 -5.42 8.98
N ARG A 142 10.39 -6.15 8.09
CA ARG A 142 10.42 -5.79 6.67
C ARG A 142 10.24 -7.03 5.81
N GLN A 143 9.61 -6.84 4.68
CA GLN A 143 9.44 -7.93 3.67
C GLN A 143 9.33 -7.29 2.30
N ILE A 144 9.88 -7.98 1.32
CA ILE A 144 9.83 -7.57 -0.10
C ILE A 144 9.09 -8.64 -0.87
N TYR A 145 8.27 -8.19 -1.80
CA TYR A 145 7.55 -9.06 -2.74
CA TYR A 145 7.51 -9.02 -2.74
C TYR A 145 7.88 -8.64 -4.17
N GLU A 146 7.77 -9.59 -5.06
CA GLU A 146 7.87 -9.32 -6.52
C GLU A 146 6.69 -10.02 -7.19
N HIS A 147 5.82 -9.28 -7.86
CA HIS A 147 4.57 -9.82 -8.44
C HIS A 147 3.83 -10.64 -7.38
N GLY A 148 3.84 -10.17 -6.14
CA GLY A 148 3.09 -10.78 -5.04
C GLY A 148 3.78 -11.95 -4.37
N VAL A 149 4.98 -12.31 -4.84
CA VAL A 149 5.72 -13.47 -4.29
C VAL A 149 6.69 -12.93 -3.26
N PRO A 150 6.62 -13.41 -2.00
CA PRO A 150 7.55 -12.94 -0.99
C PRO A 150 8.96 -13.42 -1.30
N GLN A 151 9.93 -12.51 -1.15
CA GLN A 151 11.35 -12.88 -1.41
C GLN A 151 12.01 -13.63 -0.23
N ALA A 152 11.51 -13.40 0.96
CA ALA A 152 11.94 -14.06 2.21
C ALA A 152 10.83 -13.86 3.21
N PRO A 153 10.83 -14.63 4.32
CA PRO A 153 9.84 -14.40 5.37
C PRO A 153 10.04 -13.02 5.97
N LEU A 154 8.94 -12.44 6.43
CA LEU A 154 8.98 -11.18 7.19
C LEU A 154 10.07 -11.32 8.23
N ALA A 155 10.89 -10.29 8.36
CA ALA A 155 12.06 -10.35 9.26
C ALA A 155 12.16 -9.10 10.12
N VAL A 156 12.71 -9.28 11.31
CA VAL A 156 13.02 -8.16 12.21
C VAL A 156 14.28 -7.43 11.73
N THR A 157 14.21 -6.11 11.63
CA THR A 157 15.33 -5.27 11.17
C THR A 157 15.81 -4.36 12.28
N GLY A 158 15.12 -4.28 13.40
CA GLY A 158 15.55 -3.39 14.49
C GLY A 158 14.47 -3.17 15.51
N GLU A 159 14.74 -2.25 16.40
CA GLU A 159 13.84 -1.90 17.51
C GLU A 159 13.24 -0.52 17.22
N THR A 160 12.04 -0.32 17.72
CA THR A 160 11.35 0.97 17.59
C THR A 160 10.36 1.12 18.71
N GLU A 161 10.10 2.36 19.08
CA GLU A 161 9.01 2.72 20.03
C GLU A 161 7.76 3.15 19.27
N LYS A 162 7.84 3.24 17.95
CA LYS A 162 6.71 3.70 17.15
C LYS A 162 5.88 2.51 16.68
N THR A 163 4.69 2.78 16.18
CA THR A 163 3.86 1.74 15.52
C THR A 163 3.37 2.27 14.19
N GLY A 164 3.15 1.35 13.27
CA GLY A 164 2.55 1.73 11.99
C GLY A 164 2.91 0.79 10.89
N THR A 165 2.42 1.08 9.72
CA THR A 165 2.56 0.27 8.50
C THR A 165 2.95 1.15 7.35
N MET A 166 4.00 0.73 6.63
CA MET A 166 4.45 1.41 5.40
C MET A 166 4.40 0.39 4.27
N VAL A 167 3.69 0.72 3.20
CA VAL A 167 3.68 -0.07 1.96
C VAL A 167 4.17 0.83 0.84
N ARG A 168 5.23 0.40 0.15
CA ARG A 168 5.72 1.09 -1.07
C ARG A 168 5.59 0.12 -2.22
N PHE A 169 5.03 0.55 -3.34
CA PHE A 169 4.82 -0.39 -4.44
C PHE A 169 5.20 0.27 -5.75
N TRP A 170 5.69 -0.61 -6.61
CA TRP A 170 6.12 -0.31 -8.00
C TRP A 170 5.19 -1.02 -8.94
N PRO A 171 4.22 -0.29 -9.54
CA PRO A 171 3.23 -0.94 -10.36
C PRO A 171 3.87 -1.72 -11.51
N SER A 172 3.30 -2.86 -11.84
CA SER A 172 3.79 -3.76 -12.91
C SER A 172 3.49 -3.14 -14.29
N LEU A 173 4.52 -2.99 -15.12
CA LEU A 173 4.34 -2.48 -16.50
C LEU A 173 3.81 -3.60 -17.39
N GLU A 174 3.71 -4.84 -16.88
CA GLU A 174 2.99 -5.93 -17.58
C GLU A 174 1.48 -5.75 -17.46
N THR A 175 1.04 -4.98 -16.47
CA THR A 175 -0.40 -4.76 -16.21
C THR A 175 -0.78 -3.36 -16.70
N PHE A 176 -0.04 -2.33 -16.28
CA PHE A 176 -0.41 -0.92 -16.50
C PHE A 176 0.29 -0.44 -17.76
N THR A 177 -0.51 0.03 -18.70
CA THR A 177 -0.04 0.51 -20.02
C THR A 177 -0.48 1.96 -20.21
N ASN A 178 0.24 2.67 -21.09
CA ASN A 178 -0.09 4.04 -21.58
C ASN A 178 0.12 5.05 -20.46
N VAL A 179 -0.82 5.19 -19.52
CA VAL A 179 -0.64 6.07 -18.33
C VAL A 179 0.10 5.25 -17.28
N THR A 180 1.40 5.48 -17.11
CA THR A 180 2.27 4.72 -16.18
C THR A 180 2.85 5.63 -15.08
N GLU A 181 2.73 6.95 -15.23
CA GLU A 181 3.32 7.92 -14.27
C GLU A 181 2.20 8.49 -13.42
N PHE A 182 2.42 8.59 -12.13
CA PHE A 182 1.38 9.08 -11.21
C PHE A 182 1.14 10.56 -11.43
N GLU A 183 -0.14 10.95 -11.34
CA GLU A 183 -0.57 12.36 -11.47
C GLU A 183 -0.81 12.93 -10.08
N TYR A 184 0.04 13.85 -9.67
CA TYR A 184 -0.05 14.49 -8.34
C TYR A 184 -1.49 14.96 -8.09
N GLU A 185 -2.10 15.65 -9.04
CA GLU A 185 -3.42 16.28 -8.79
C GLU A 185 -4.51 15.22 -8.54
N ILE A 186 -4.43 14.05 -9.17
CA ILE A 186 -5.43 12.99 -8.97
C ILE A 186 -5.32 12.49 -7.53
N LEU A 187 -4.09 12.30 -7.07
CA LEU A 187 -3.89 11.85 -5.67
C LEU A 187 -4.31 12.95 -4.70
N ALA A 188 -3.95 14.20 -4.99
CA ALA A 188 -4.22 15.32 -4.06
C ALA A 188 -5.72 15.46 -3.89
N LYS A 189 -6.47 15.38 -4.97
N LYS A 189 -6.47 15.39 -4.99
CA LYS A 189 -7.93 15.57 -4.81
CA LYS A 189 -7.94 15.53 -4.94
C LYS A 189 -8.52 14.50 -3.90
C LYS A 189 -8.53 14.50 -3.96
N ARG A 190 -8.19 13.23 -4.13
CA ARG A 190 -8.76 12.16 -3.29
C ARG A 190 -8.31 12.31 -1.85
N LEU A 191 -7.04 12.65 -1.63
CA LEU A 191 -6.57 12.78 -0.25
C LEU A 191 -7.25 13.96 0.45
N ARG A 192 -7.48 15.06 -0.26
CA ARG A 192 -8.26 16.16 0.33
C ARG A 192 -9.67 15.70 0.71
N GLU A 193 -10.31 14.92 -0.14
CA GLU A 193 -11.66 14.39 0.15
C GLU A 193 -11.59 13.55 1.42
N LEU A 194 -10.61 12.65 1.49
CA LEU A 194 -10.52 11.75 2.65
C LEU A 194 -10.23 12.55 3.92
N SER A 195 -9.43 13.61 3.86
CA SER A 195 -9.13 14.44 5.04
CA SER A 195 -9.11 14.49 5.00
C SER A 195 -10.43 15.11 5.51
N PHE A 196 -11.21 15.61 4.59
CA PHE A 196 -12.46 16.28 4.96
C PHE A 196 -13.38 15.27 5.65
N LEU A 197 -13.47 14.06 5.13
CA LEU A 197 -14.42 13.03 5.66
C LEU A 197 -13.89 12.36 6.93
N ASN A 198 -12.59 12.50 7.21
CA ASN A 198 -11.93 11.93 8.40
C ASN A 198 -11.22 13.11 9.11
N SER A 199 -11.95 14.07 9.69
CA SER A 199 -11.41 15.40 10.06
C SER A 199 -10.25 15.35 11.09
N GLY A 200 -10.15 14.28 11.88
CA GLY A 200 -9.07 14.12 12.86
C GLY A 200 -7.75 13.73 12.20
N VAL A 201 -7.80 13.14 11.01
CA VAL A 201 -6.62 12.51 10.39
C VAL A 201 -5.82 13.61 9.68
N SER A 202 -4.50 13.55 9.82
CA SER A 202 -3.56 14.38 9.07
C SER A 202 -3.08 13.54 7.88
N ILE A 203 -3.22 14.08 6.68
CA ILE A 203 -2.73 13.39 5.47
C ILE A 203 -1.71 14.29 4.81
N ARG A 204 -0.51 13.79 4.61
CA ARG A 204 0.55 14.51 3.87
C ARG A 204 0.76 13.84 2.52
N LEU A 205 0.95 14.66 1.49
CA LEU A 205 1.29 14.18 0.15
C LEU A 205 2.59 14.85 -0.24
N ARG A 206 3.56 14.04 -0.68
N ARG A 206 3.58 14.04 -0.63
CA ARG A 206 4.90 14.52 -1.05
CA ARG A 206 4.93 14.51 -1.03
C ARG A 206 5.26 13.96 -2.41
C ARG A 206 5.25 13.96 -2.41
N ASP A 207 5.75 14.81 -3.31
CA ASP A 207 6.20 14.37 -4.64
C ASP A 207 7.71 14.53 -4.68
N LYS A 208 8.44 13.43 -4.62
CA LYS A 208 9.92 13.49 -4.65
C LYS A 208 10.41 13.77 -6.07
N ARG A 209 9.56 13.72 -7.09
CA ARG A 209 9.99 14.00 -8.47
C ARG A 209 10.29 15.48 -8.63
N ASP A 210 9.60 16.35 -7.90
CA ASP A 210 9.73 17.82 -8.09
C ASP A 210 9.72 18.61 -6.78
N GLY A 211 9.53 17.95 -5.63
CA GLY A 211 9.56 18.60 -4.30
C GLY A 211 8.21 19.15 -3.83
N LYS A 212 7.15 19.03 -4.63
CA LYS A 212 5.79 19.49 -4.26
C LYS A 212 5.36 18.76 -2.97
N GLU A 213 4.67 19.47 -2.06
CA GLU A 213 4.01 18.76 -0.96
C GLU A 213 2.77 19.52 -0.51
N ASP A 214 1.86 18.78 0.08
CA ASP A 214 0.59 19.29 0.63
C ASP A 214 0.36 18.61 1.97
N HIS A 215 -0.41 19.30 2.80
CA HIS A 215 -0.80 18.80 4.14
C HIS A 215 -2.30 19.04 4.27
N PHE A 216 -3.09 17.97 4.31
CA PHE A 216 -4.56 18.02 4.43
C PHE A 216 -4.93 17.60 5.85
N HIS A 217 -5.58 18.48 6.59
CA HIS A 217 -5.95 18.22 8.00
C HIS A 217 -7.09 19.16 8.34
N TYR A 218 -8.32 18.67 8.31
CA TYR A 218 -9.51 19.52 8.52
C TYR A 218 -9.54 19.98 10.00
#